data_7NDY
#
_entry.id   7NDY
#
_cell.length_a   33.05
_cell.length_b   40.628
_cell.length_c   43.224
_cell.angle_alpha   69.51
_cell.angle_beta   69.68
_cell.angle_gamma   85.03
#
_symmetry.space_group_name_H-M   'P 1'
#
loop_
_entity.id
_entity.type
_entity.pdbx_description
1 polymer 'Barrier-to-autointegration factor, N-terminally processed'
2 polymer Emerin
3 non-polymer '4-(2-HYDROXYETHYL)-1-PIPERAZINE ETHANESULFONIC ACID'
4 water water
#
loop_
_entity_poly.entity_id
_entity_poly.type
_entity_poly.pdbx_seq_one_letter_code
_entity_poly.pdbx_strand_id
1 'polypeptide(L)'
;GT(TPO)(SEP)QKHRDFVAEPMGEKPVGSLAGIGEVLGKKLEERGFDKAYVVLGQFLVLKKDEDLFREWLKDTAGANAK
QSRDAFGALREWADAFL
;
A,B
2 'polypeptide(L)'
;GDNYADLSDTELTTLLRRYNIPHGPVVGSTRRLYEKKIFEYETQRRRLSPPSSSAASSYSFSDLNSTRGDADMYDLPKKE
DALLYQSKGYNDDYYEESYFTTRTYGEPESAGPSRAVRQSVTSFPDADAFHHQVHDDDLLSSSEEECKDRERPMYGRDSA
YQSITHYRPVSASRSSLDLSYYPTSSS
;
G
#
# COMPACT_ATOMS: atom_id res chain seq x y z
N THR A 2 21.06 0.69 17.71
CA THR A 2 21.45 1.87 16.93
C THR A 2 20.71 1.97 15.58
N GLN A 5 22.30 -0.22 12.86
CA GLN A 5 21.92 -1.62 13.09
C GLN A 5 20.49 -1.91 12.67
N LYS A 6 19.55 -1.01 12.99
CA LYS A 6 18.15 -1.21 12.58
C LYS A 6 18.01 -1.18 11.06
N HIS A 7 18.75 -0.27 10.41
CA HIS A 7 18.74 -0.18 8.95
C HIS A 7 19.31 -1.46 8.35
N ARG A 8 20.48 -1.88 8.83
CA ARG A 8 21.12 -3.11 8.35
CA ARG A 8 21.13 -3.10 8.33
C ARG A 8 20.21 -4.32 8.53
N ASP A 9 19.61 -4.47 9.71
CA ASP A 9 18.71 -5.60 9.96
C ASP A 9 17.47 -5.56 9.10
N PHE A 10 16.96 -4.36 8.81
CA PHE A 10 15.75 -4.25 8.01
C PHE A 10 15.99 -4.60 6.53
N VAL A 11 17.08 -4.07 5.96
CA VAL A 11 17.41 -4.29 4.55
C VAL A 11 18.01 -5.70 4.28
N ALA A 12 18.39 -6.44 5.32
CA ALA A 12 19.05 -7.74 5.17
C ALA A 12 18.18 -8.85 4.72
N GLU A 13 16.84 -8.71 4.88
CA GLU A 13 15.97 -9.85 4.65
C GLU A 13 14.55 -9.44 4.31
N PRO A 14 13.71 -10.34 3.76
CA PRO A 14 12.28 -9.99 3.56
C PRO A 14 11.65 -9.51 4.87
N MET A 15 10.76 -8.52 4.81
CA MET A 15 10.17 -7.97 6.02
C MET A 15 9.01 -8.79 6.57
N GLY A 16 8.30 -9.54 5.72
CA GLY A 16 7.18 -10.38 6.13
C GLY A 16 6.18 -9.64 7.01
N GLU A 17 5.99 -10.17 8.21
CA GLU A 17 5.06 -9.61 9.17
C GLU A 17 5.77 -8.75 10.24
N LYS A 18 6.97 -8.20 9.93
CA LYS A 18 7.68 -7.35 10.91
C LYS A 18 6.84 -6.13 11.27
N PRO A 19 6.85 -5.75 12.56
CA PRO A 19 6.05 -4.59 12.96
C PRO A 19 6.66 -3.29 12.42
N VAL A 20 5.86 -2.22 12.38
CA VAL A 20 6.31 -0.94 11.84
C VAL A 20 7.57 -0.42 12.58
N GLY A 21 7.70 -0.75 13.86
CA GLY A 21 8.85 -0.36 14.68
C GLY A 21 10.18 -0.95 14.26
N SER A 22 10.18 -1.98 13.41
CA SER A 22 11.42 -2.57 12.90
CA SER A 22 11.43 -2.56 12.90
C SER A 22 12.09 -1.64 11.86
N LEU A 23 11.32 -0.74 11.26
CA LEU A 23 11.82 0.20 10.26
C LEU A 23 12.73 1.18 10.95
N ALA A 24 13.96 1.40 10.41
CA ALA A 24 14.88 2.40 10.96
C ALA A 24 14.19 3.77 10.93
N GLY A 25 14.40 4.59 11.96
CA GLY A 25 13.75 5.88 12.07
C GLY A 25 12.39 5.84 12.75
N ILE A 26 11.81 4.63 12.94
CA ILE A 26 10.49 4.51 13.57
C ILE A 26 10.66 4.11 15.03
N GLY A 27 10.77 5.12 15.90
CA GLY A 27 10.88 4.86 17.33
C GLY A 27 9.52 4.64 17.97
N GLU A 28 9.45 4.73 19.31
CA GLU A 28 8.20 4.53 20.05
C GLU A 28 7.08 5.51 19.65
N VAL A 29 7.37 6.82 19.60
CA VAL A 29 6.38 7.85 19.26
C VAL A 29 5.82 7.67 17.83
N LEU A 30 6.71 7.60 16.83
CA LEU A 30 6.35 7.43 15.42
C LEU A 30 5.63 6.11 15.17
N GLY A 31 6.09 5.06 15.83
CA GLY A 31 5.50 3.73 15.70
C GLY A 31 4.08 3.75 16.21
N LYS A 32 3.86 4.40 17.37
CA LYS A 32 2.51 4.50 17.94
C LYS A 32 1.57 5.33 17.05
N LYS A 33 2.05 6.46 16.50
CA LYS A 33 1.23 7.28 15.61
C LYS A 33 0.90 6.50 14.33
N LEU A 34 1.92 5.84 13.75
CA LEU A 34 1.75 5.00 12.54
C LEU A 34 0.74 3.88 12.82
N GLU A 35 0.83 3.22 13.99
CA GLU A 35 -0.13 2.19 14.38
C GLU A 35 -1.55 2.76 14.50
N GLU A 36 -1.70 3.98 15.05
CA GLU A 36 -3.01 4.63 15.18
C GLU A 36 -3.62 4.92 13.78
N ARG A 37 -2.77 5.19 12.78
CA ARG A 37 -3.24 5.43 11.42
C ARG A 37 -3.54 4.14 10.63
N GLY A 38 -3.22 2.99 11.19
CA GLY A 38 -3.47 1.70 10.53
C GLY A 38 -2.23 1.04 9.96
N PHE A 39 -1.05 1.65 10.16
CA PHE A 39 0.25 1.15 9.71
C PHE A 39 0.83 0.30 10.85
N ASP A 40 0.28 -0.90 11.03
CA ASP A 40 0.69 -1.82 12.09
C ASP A 40 1.97 -2.56 11.72
N LYS A 41 2.11 -2.91 10.44
CA LYS A 41 3.28 -3.66 9.97
C LYS A 41 4.14 -2.82 9.04
N ALA A 42 5.44 -3.15 8.95
CA ALA A 42 6.35 -2.41 8.08
C ALA A 42 5.86 -2.44 6.61
N TYR A 43 5.23 -3.55 6.17
CA TYR A 43 4.74 -3.65 4.80
C TYR A 43 3.69 -2.60 4.47
N VAL A 44 2.90 -2.15 5.45
CA VAL A 44 1.88 -1.12 5.16
C VAL A 44 2.57 0.19 4.78
N VAL A 45 3.69 0.51 5.46
CA VAL A 45 4.46 1.71 5.14
C VAL A 45 5.11 1.55 3.78
N LEU A 46 5.63 0.32 3.48
CA LEU A 46 6.18 -0.01 2.19
C LEU A 46 5.11 0.23 1.10
N GLY A 47 3.86 -0.14 1.37
CA GLY A 47 2.78 0.12 0.43
C GLY A 47 2.65 1.58 0.04
N GLN A 48 2.70 2.49 1.02
CA GLN A 48 2.58 3.93 0.80
C GLN A 48 3.79 4.46 0.02
N PHE A 49 4.98 3.96 0.34
CA PHE A 49 6.22 4.28 -0.36
C PHE A 49 6.09 3.91 -1.85
N LEU A 50 5.52 2.73 -2.12
CA LEU A 50 5.28 2.27 -3.49
C LEU A 50 4.17 3.03 -4.21
N VAL A 51 3.03 3.31 -3.54
CA VAL A 51 1.98 4.11 -4.16
C VAL A 51 2.52 5.53 -4.53
N LEU A 52 3.45 6.05 -3.71
CA LEU A 52 4.12 7.32 -3.99
C LEU A 52 5.30 7.20 -4.99
N LYS A 53 5.38 6.05 -5.71
CA LYS A 53 6.37 5.71 -6.73
C LYS A 53 7.78 5.90 -6.26
N LYS A 54 8.03 5.53 -4.99
CA LYS A 54 9.35 5.56 -4.34
C LYS A 54 9.97 6.95 -4.32
N ASP A 55 9.15 8.02 -4.44
CA ASP A 55 9.64 9.40 -4.47
C ASP A 55 10.02 9.85 -3.05
N GLU A 56 11.29 10.23 -2.85
CA GLU A 56 11.77 10.65 -1.54
C GLU A 56 11.03 11.85 -1.01
N ASP A 57 10.95 12.93 -1.81
CA ASP A 57 10.28 14.14 -1.36
C ASP A 57 8.83 13.86 -0.96
N LEU A 58 8.08 13.12 -1.80
CA LEU A 58 6.70 12.81 -1.48
C LEU A 58 6.54 11.96 -0.23
N PHE A 59 7.40 10.94 -0.08
CA PHE A 59 7.29 10.04 1.06
C PHE A 59 7.66 10.75 2.35
N ARG A 60 8.73 11.52 2.30
CA ARG A 60 9.20 12.23 3.49
C ARG A 60 8.22 13.31 3.91
N GLU A 61 7.65 14.06 2.95
CA GLU A 61 6.64 15.07 3.28
C GLU A 61 5.42 14.39 3.90
N TRP A 62 4.99 13.26 3.31
CA TRP A 62 3.85 12.49 3.84
C TRP A 62 4.11 12.01 5.27
N LEU A 63 5.27 11.42 5.55
CA LEU A 63 5.59 10.91 6.89
C LEU A 63 5.72 12.03 7.92
N LYS A 64 6.33 13.15 7.52
CA LYS A 64 6.47 14.28 8.43
CA LYS A 64 6.46 14.29 8.42
C LYS A 64 5.09 14.85 8.80
N ASP A 65 4.22 15.08 7.79
CA ASP A 65 2.91 15.67 8.02
CA ASP A 65 2.92 15.68 8.05
C ASP A 65 1.90 14.73 8.70
N THR A 66 1.85 13.47 8.25
CA THR A 66 0.87 12.54 8.78
C THR A 66 1.27 11.90 10.11
N ALA A 67 2.56 11.58 10.32
CA ALA A 67 2.95 10.91 11.55
C ALA A 67 3.83 11.71 12.50
N GLY A 68 4.18 12.94 12.14
CA GLY A 68 4.99 13.77 13.02
C GLY A 68 6.48 13.48 12.99
N ALA A 69 6.93 12.77 11.95
CA ALA A 69 8.34 12.45 11.82
C ALA A 69 9.15 13.72 11.59
N ASN A 70 10.38 13.78 12.10
CA ASN A 70 11.26 14.90 11.80
C ASN A 70 12.08 14.56 10.52
N ALA A 71 12.97 15.46 10.04
CA ALA A 71 13.75 15.18 8.82
C ALA A 71 14.61 13.90 8.94
N LYS A 72 15.35 13.73 10.04
CA LYS A 72 16.19 12.56 10.25
C LYS A 72 15.41 11.26 10.27
N GLN A 73 14.31 11.22 11.03
CA GLN A 73 13.49 10.01 11.09
C GLN A 73 12.90 9.66 9.73
N SER A 74 12.40 10.67 8.98
CA SER A 74 11.80 10.37 7.68
C SER A 74 12.89 9.89 6.69
N ARG A 75 14.10 10.46 6.76
CA ARG A 75 15.21 10.02 5.92
C ARG A 75 15.61 8.57 6.26
N ASP A 76 15.73 8.24 7.56
CA ASP A 76 16.09 6.88 7.96
C ASP A 76 15.05 5.86 7.51
N ALA A 77 13.76 6.18 7.66
CA ALA A 77 12.67 5.28 7.25
C ALA A 77 12.60 5.16 5.72
N PHE A 78 12.81 6.30 5.04
CA PHE A 78 12.80 6.29 3.58
C PHE A 78 13.95 5.41 3.04
N GLY A 79 15.13 5.60 3.63
CA GLY A 79 16.34 4.89 3.25
C GLY A 79 16.24 3.39 3.43
N ALA A 80 15.63 2.97 4.55
CA ALA A 80 15.45 1.56 4.82
C ALA A 80 14.50 0.95 3.77
N LEU A 81 13.43 1.66 3.42
CA LEU A 81 12.46 1.14 2.43
C LEU A 81 13.03 1.15 1.03
N ARG A 82 13.78 2.19 0.68
CA ARG A 82 14.39 2.29 -0.64
C ARG A 82 15.39 1.17 -0.84
N GLU A 83 16.26 0.96 0.17
CA GLU A 83 17.27 -0.09 0.03
C GLU A 83 16.66 -1.46 0.11
N TRP A 84 15.57 -1.63 0.89
CA TRP A 84 14.89 -2.93 0.94
C TRP A 84 14.30 -3.23 -0.44
N ALA A 85 13.62 -2.25 -1.07
CA ALA A 85 13.02 -2.49 -2.38
C ALA A 85 14.07 -2.76 -3.45
N ASP A 86 15.23 -2.10 -3.36
CA ASP A 86 16.33 -2.35 -4.28
C ASP A 86 16.81 -3.80 -4.17
N ALA A 87 16.81 -4.36 -2.96
CA ALA A 87 17.26 -5.73 -2.74
C ALA A 87 16.21 -6.81 -3.02
N PHE A 88 14.92 -6.53 -2.77
CA PHE A 88 13.92 -7.59 -2.83
C PHE A 88 12.71 -7.42 -3.72
N LEU A 89 12.35 -6.20 -4.12
CA LEU A 89 11.12 -5.97 -4.86
C LEU A 89 11.19 -6.27 -6.36
N THR B 2 -5.38 -16.12 -20.96
CA THR B 2 -3.99 -16.54 -20.66
C THR B 2 -3.66 -16.33 -19.19
N GLN B 5 -1.02 -18.62 -17.21
CA GLN B 5 0.36 -18.32 -17.64
C GLN B 5 0.82 -17.01 -16.97
N LYS B 6 -0.05 -15.99 -17.00
CA LYS B 6 0.29 -14.69 -16.43
C LYS B 6 0.51 -14.80 -14.93
N HIS B 7 -0.33 -15.59 -14.25
CA HIS B 7 -0.20 -15.77 -12.81
C HIS B 7 1.13 -16.46 -12.48
N ARG B 8 1.44 -17.56 -13.17
CA ARG B 8 2.66 -18.34 -12.94
C ARG B 8 3.90 -17.48 -13.11
N ASP B 9 3.94 -16.70 -14.20
CA ASP B 9 5.10 -15.85 -14.45
C ASP B 9 5.20 -14.71 -13.45
N PHE B 10 4.05 -14.20 -12.98
CA PHE B 10 4.06 -13.08 -12.04
C PHE B 10 4.57 -13.46 -10.68
N VAL B 11 4.15 -14.61 -10.17
CA VAL B 11 4.51 -15.04 -8.82
C VAL B 11 5.89 -15.66 -8.70
N ALA B 12 6.56 -15.91 -9.81
CA ALA B 12 7.83 -16.61 -9.85
C ALA B 12 9.02 -15.80 -9.43
N GLU B 13 9.00 -14.50 -9.68
CA GLU B 13 10.19 -13.67 -9.43
C GLU B 13 9.78 -12.34 -8.83
N PRO B 14 10.75 -11.59 -8.21
CA PRO B 14 10.45 -10.20 -7.81
C PRO B 14 9.96 -9.41 -9.03
N MET B 15 8.98 -8.51 -8.82
CA MET B 15 8.36 -7.83 -9.93
C MET B 15 9.16 -6.71 -10.54
N GLY B 16 10.12 -6.14 -9.79
CA GLY B 16 10.93 -5.04 -10.28
C GLY B 16 10.14 -3.94 -10.98
N GLU B 17 10.52 -3.64 -12.22
CA GLU B 17 9.86 -2.61 -13.01
C GLU B 17 8.79 -3.13 -13.98
N LYS B 18 8.17 -4.32 -13.70
CA LYS B 18 7.14 -4.82 -14.62
C LYS B 18 5.97 -3.86 -14.75
N PRO B 19 5.37 -3.76 -15.93
CA PRO B 19 4.18 -2.90 -16.08
C PRO B 19 2.97 -3.56 -15.42
N VAL B 20 1.89 -2.80 -15.20
CA VAL B 20 0.68 -3.37 -14.58
C VAL B 20 0.08 -4.54 -15.32
N GLY B 21 0.23 -4.54 -16.64
CA GLY B 21 -0.28 -5.60 -17.51
C GLY B 21 0.34 -6.97 -17.27
N SER B 22 1.42 -7.04 -16.44
CA SER B 22 2.07 -8.29 -16.10
CA SER B 22 2.05 -8.31 -16.12
C SER B 22 1.23 -9.11 -15.10
N LEU B 23 0.33 -8.44 -14.38
CA LEU B 23 -0.51 -9.07 -13.38
C LEU B 23 -1.60 -9.88 -14.04
N ALA B 24 -1.87 -11.09 -13.52
CA ALA B 24 -3.00 -11.92 -13.97
C ALA B 24 -4.29 -11.08 -13.74
N GLY B 25 -5.22 -11.10 -14.67
CA GLY B 25 -6.44 -10.33 -14.57
C GLY B 25 -6.37 -8.94 -15.18
N ILE B 26 -5.16 -8.40 -15.37
CA ILE B 26 -4.99 -7.07 -15.91
C ILE B 26 -4.70 -7.17 -17.39
N GLY B 27 -5.79 -7.23 -18.16
CA GLY B 27 -5.70 -7.24 -19.61
C GLY B 27 -5.47 -5.86 -20.19
N GLU B 28 -5.62 -5.73 -21.50
CA GLU B 28 -5.37 -4.46 -22.19
CA GLU B 28 -5.37 -4.48 -22.22
C GLU B 28 -6.25 -3.30 -21.72
N VAL B 29 -7.56 -3.55 -21.53
CA VAL B 29 -8.48 -2.51 -21.11
C VAL B 29 -8.16 -2.02 -19.70
N LEU B 30 -8.01 -2.96 -18.76
CA LEU B 30 -7.69 -2.67 -17.38
C LEU B 30 -6.32 -2.04 -17.23
N GLY B 31 -5.32 -2.53 -17.95
CA GLY B 31 -3.97 -2.02 -17.82
C GLY B 31 -3.86 -0.57 -18.25
N LYS B 32 -4.52 -0.26 -19.39
CA LYS B 32 -4.53 1.08 -19.95
C LYS B 32 -5.22 2.01 -18.96
N LYS B 33 -6.36 1.59 -18.40
CA LYS B 33 -7.08 2.39 -17.42
C LYS B 33 -6.25 2.61 -16.14
N LEU B 34 -5.59 1.55 -15.62
CA LEU B 34 -4.73 1.72 -14.44
C LEU B 34 -3.59 2.71 -14.71
N GLU B 35 -2.97 2.62 -15.89
CA GLU B 35 -1.88 3.52 -16.24
C GLU B 35 -2.39 4.95 -16.37
N GLU B 36 -3.59 5.14 -16.93
CA GLU B 36 -4.19 6.47 -17.04
C GLU B 36 -4.52 7.08 -15.67
N ARG B 37 -4.83 6.22 -14.66
CA ARG B 37 -5.10 6.70 -13.30
C ARG B 37 -3.80 6.93 -12.49
N GLY B 38 -2.64 6.59 -13.03
CA GLY B 38 -1.38 6.79 -12.32
C GLY B 38 -0.78 5.53 -11.68
N PHE B 39 -1.37 4.35 -11.91
CA PHE B 39 -0.83 3.11 -11.37
C PHE B 39 -0.11 2.52 -12.55
N ASP B 40 1.08 3.07 -12.85
CA ASP B 40 1.79 2.78 -14.08
C ASP B 40 2.73 1.60 -14.04
N LYS B 41 3.03 1.03 -12.87
CA LYS B 41 3.88 -0.15 -12.78
C LYS B 41 3.19 -1.15 -11.85
N ALA B 42 3.52 -2.46 -11.96
CA ALA B 42 2.92 -3.45 -11.07
C ALA B 42 3.22 -3.14 -9.60
N TYR B 43 4.42 -2.61 -9.30
CA TYR B 43 4.76 -2.30 -7.89
C TYR B 43 3.83 -1.23 -7.29
N VAL B 44 3.27 -0.35 -8.12
CA VAL B 44 2.35 0.68 -7.65
C VAL B 44 1.04 -0.01 -7.20
N VAL B 45 0.56 -0.98 -8.00
CA VAL B 45 -0.62 -1.77 -7.64
C VAL B 45 -0.31 -2.65 -6.42
N LEU B 46 0.91 -3.22 -6.32
CA LEU B 46 1.34 -3.96 -5.12
C LEU B 46 1.23 -3.00 -3.89
N GLY B 47 1.70 -1.77 -4.05
CA GLY B 47 1.64 -0.76 -3.01
C GLY B 47 0.22 -0.55 -2.53
N GLN B 48 -0.73 -0.50 -3.47
CA GLN B 48 -2.15 -0.32 -3.14
C GLN B 48 -2.65 -1.56 -2.39
N PHE B 49 -2.37 -2.76 -2.88
CA PHE B 49 -2.71 -4.01 -2.18
C PHE B 49 -2.16 -4.00 -0.72
N LEU B 50 -0.94 -3.49 -0.51
CA LEU B 50 -0.30 -3.41 0.80
C LEU B 50 -0.94 -2.33 1.70
N VAL B 51 -1.23 -1.12 1.16
CA VAL B 51 -1.90 -0.09 1.97
C VAL B 51 -3.33 -0.51 2.34
N LEU B 52 -3.95 -1.41 1.55
CA LEU B 52 -5.26 -2.00 1.82
C LEU B 52 -5.09 -3.27 2.73
N LYS B 53 -3.91 -3.45 3.39
CA LYS B 53 -3.58 -4.53 4.33
C LYS B 53 -3.84 -5.91 3.73
N LYS B 54 -3.58 -6.06 2.43
CA LYS B 54 -3.80 -7.33 1.70
C LYS B 54 -5.25 -7.80 1.83
N ASP B 55 -6.19 -6.89 2.03
CA ASP B 55 -7.60 -7.25 2.17
C ASP B 55 -8.22 -7.50 0.78
N GLU B 56 -8.68 -8.72 0.53
CA GLU B 56 -9.28 -9.05 -0.75
C GLU B 56 -10.46 -8.17 -1.13
N ASP B 57 -11.40 -7.98 -0.21
CA ASP B 57 -12.59 -7.22 -0.49
C ASP B 57 -12.24 -5.76 -0.81
N LEU B 58 -11.37 -5.15 -0.01
CA LEU B 58 -10.97 -3.77 -0.30
C LEU B 58 -10.26 -3.67 -1.64
N PHE B 59 -9.30 -4.58 -1.92
CA PHE B 59 -8.57 -4.54 -3.17
C PHE B 59 -9.46 -4.70 -4.38
N ARG B 60 -10.36 -5.67 -4.33
CA ARG B 60 -11.24 -5.95 -5.45
C ARG B 60 -12.24 -4.82 -5.68
N GLU B 61 -12.73 -4.21 -4.61
CA GLU B 61 -13.64 -3.08 -4.69
C GLU B 61 -12.90 -1.88 -5.30
N TRP B 62 -11.68 -1.58 -4.81
CA TRP B 62 -10.85 -0.50 -5.35
C TRP B 62 -10.59 -0.71 -6.88
N LEU B 63 -10.27 -1.95 -7.30
CA LEU B 63 -9.93 -2.21 -8.70
C LEU B 63 -11.14 -2.04 -9.61
N LYS B 64 -12.32 -2.46 -9.13
CA LYS B 64 -13.57 -2.29 -9.86
C LYS B 64 -13.89 -0.79 -10.03
N ASP B 65 -13.65 0.00 -8.98
CA ASP B 65 -13.91 1.44 -9.05
C ASP B 65 -12.90 2.21 -9.86
N THR B 66 -11.65 1.77 -9.84
CA THR B 66 -10.57 2.49 -10.53
C THR B 66 -10.46 2.12 -12.00
N ALA B 67 -10.53 0.82 -12.31
CA ALA B 67 -10.34 0.38 -13.69
C ALA B 67 -11.51 -0.36 -14.30
N GLY B 68 -12.63 -0.49 -13.60
CA GLY B 68 -13.79 -1.18 -14.14
C GLY B 68 -13.68 -2.69 -14.18
N ALA B 69 -12.80 -3.26 -13.38
CA ALA B 69 -12.61 -4.73 -13.35
C ALA B 69 -13.87 -5.43 -12.92
N ASN B 70 -14.18 -6.55 -13.55
CA ASN B 70 -15.31 -7.38 -13.15
C ASN B 70 -14.80 -8.32 -12.00
N ALA B 71 -15.70 -9.15 -11.44
CA ALA B 71 -15.32 -10.06 -10.36
C ALA B 71 -14.16 -11.00 -10.71
N LYS B 72 -14.19 -11.62 -11.90
CA LYS B 72 -13.15 -12.55 -12.31
C LYS B 72 -11.77 -11.87 -12.42
N GLN B 73 -11.70 -10.73 -13.13
CA GLN B 73 -10.43 -9.99 -13.30
C GLN B 73 -9.82 -9.57 -11.94
N SER B 74 -10.67 -9.08 -11.05
CA SER B 74 -10.21 -8.63 -9.72
C SER B 74 -9.78 -9.81 -8.83
N ARG B 75 -10.48 -10.96 -8.96
CA ARG B 75 -10.10 -12.14 -8.20
C ARG B 75 -8.71 -12.62 -8.66
N ASP B 76 -8.47 -12.61 -9.97
CA ASP B 76 -7.19 -13.03 -10.53
C ASP B 76 -6.04 -12.09 -10.17
N ALA B 77 -6.28 -10.77 -10.25
CA ALA B 77 -5.23 -9.78 -9.90
C ALA B 77 -4.88 -9.89 -8.42
N PHE B 78 -5.90 -10.03 -7.58
CA PHE B 78 -5.67 -10.20 -6.14
C PHE B 78 -4.86 -11.46 -5.85
N GLY B 79 -5.22 -12.59 -6.45
CA GLY B 79 -4.55 -13.85 -6.20
C GLY B 79 -3.09 -13.79 -6.58
N ALA B 80 -2.78 -13.12 -7.71
CA ALA B 80 -1.38 -13.02 -8.13
C ALA B 80 -0.56 -12.16 -7.14
N LEU B 81 -1.14 -11.06 -6.66
CA LEU B 81 -0.44 -10.21 -5.69
C LEU B 81 -0.29 -10.89 -4.34
N ARG B 82 -1.32 -11.65 -3.91
CA ARG B 82 -1.27 -12.34 -2.63
C ARG B 82 -0.18 -13.41 -2.67
N GLU B 83 -0.14 -14.23 -3.72
CA GLU B 83 0.84 -15.31 -3.81
C GLU B 83 2.28 -14.75 -3.95
N TRP B 84 2.44 -13.66 -4.70
CA TRP B 84 3.72 -12.97 -4.83
C TRP B 84 4.18 -12.48 -3.43
N ALA B 85 3.28 -11.79 -2.69
CA ALA B 85 3.64 -11.23 -1.37
C ALA B 85 3.99 -12.34 -0.35
N ASP B 86 3.30 -13.49 -0.42
CA ASP B 86 3.65 -14.64 0.46
C ASP B 86 5.07 -15.17 0.17
N ALA B 87 5.50 -15.06 -1.08
CA ALA B 87 6.82 -15.53 -1.45
C ALA B 87 7.95 -14.53 -1.20
N PHE B 88 7.77 -13.26 -1.61
CA PHE B 88 8.86 -12.31 -1.61
C PHE B 88 8.87 -11.25 -0.57
N LEU B 89 7.69 -10.88 -0.03
CA LEU B 89 7.58 -9.76 0.87
C LEU B 89 8.08 -10.06 2.26
N ASN C 3 -20.97 15.70 3.37
CA ASN C 3 -19.68 16.03 2.75
C ASN C 3 -18.53 15.53 3.61
N TYR C 4 -17.93 14.41 3.22
CA TYR C 4 -16.82 13.82 3.96
C TYR C 4 -15.49 14.54 3.75
N ALA C 5 -15.42 15.55 2.86
CA ALA C 5 -14.15 16.27 2.65
C ALA C 5 -13.70 17.03 3.90
N ASP C 6 -14.66 17.49 4.73
CA ASP C 6 -14.32 18.19 5.97
C ASP C 6 -13.68 17.27 7.04
N LEU C 7 -13.77 15.95 6.85
CA LEU C 7 -13.18 15.00 7.80
C LEU C 7 -11.70 14.84 7.53
N SER C 8 -10.88 14.88 8.58
CA SER C 8 -9.46 14.59 8.45
C SER C 8 -9.29 13.09 8.19
N ASP C 9 -8.10 12.64 7.81
CA ASP C 9 -7.84 11.19 7.63
C ASP C 9 -8.11 10.45 8.95
N THR C 10 -7.78 11.08 10.10
CA THR C 10 -8.05 10.49 11.39
C THR C 10 -9.55 10.37 11.62
N GLU C 11 -10.33 11.39 11.27
CA GLU C 11 -11.78 11.35 11.46
C GLU C 11 -12.45 10.36 10.52
N LEU C 12 -11.93 10.23 9.31
CA LEU C 12 -12.42 9.25 8.34
C LEU C 12 -12.13 7.85 8.89
N THR C 13 -10.91 7.63 9.41
CA THR C 13 -10.53 6.35 10.02
C THR C 13 -11.43 5.99 11.22
N THR C 14 -11.79 6.99 12.03
CA THR C 14 -12.66 6.81 13.19
C THR C 14 -14.06 6.38 12.78
N LEU C 15 -14.59 6.94 11.68
CA LEU C 15 -15.90 6.54 11.17
C LEU C 15 -15.85 5.09 10.68
N LEU C 16 -14.79 4.71 9.92
CA LEU C 16 -14.67 3.34 9.43
C LEU C 16 -14.62 2.34 10.59
N ARG C 17 -13.93 2.70 11.68
CA ARG C 17 -13.79 1.87 12.86
C ARG C 17 -15.13 1.78 13.61
N ARG C 18 -15.81 2.92 13.76
CA ARG C 18 -17.11 3.00 14.45
C ARG C 18 -18.13 2.07 13.76
N TYR C 19 -18.16 2.12 12.45
CA TYR C 19 -19.07 1.31 11.65
C TYR C 19 -18.60 -0.15 11.43
N ASN C 20 -17.42 -0.54 11.99
CA ASN C 20 -16.81 -1.86 11.84
CA ASN C 20 -16.87 -1.90 11.84
C ASN C 20 -16.66 -2.25 10.35
N ILE C 21 -16.25 -1.26 9.55
CA ILE C 21 -15.99 -1.45 8.14
C ILE C 21 -14.52 -1.76 8.07
N PRO C 22 -14.15 -2.95 7.59
CA PRO C 22 -12.72 -3.31 7.50
C PRO C 22 -11.95 -2.28 6.67
N HIS C 23 -10.78 -1.87 7.16
CA HIS C 23 -10.02 -0.84 6.49
C HIS C 23 -8.57 -0.83 6.89
N GLY C 24 -7.77 -0.22 6.03
CA GLY C 24 -6.38 0.09 6.29
C GLY C 24 -6.24 1.60 6.40
N PRO C 25 -5.02 2.10 6.34
CA PRO C 25 -4.80 3.57 6.35
C PRO C 25 -5.55 4.39 5.31
N VAL C 26 -5.93 5.63 5.69
CA VAL C 26 -6.54 6.58 4.78
C VAL C 26 -5.35 7.36 4.22
N VAL C 27 -5.05 7.16 2.94
CA VAL C 27 -3.97 7.87 2.24
C VAL C 27 -4.60 8.43 0.95
N GLY C 28 -3.83 9.18 0.16
CA GLY C 28 -4.32 9.75 -1.08
C GLY C 28 -4.93 8.74 -2.02
N SER C 29 -4.36 7.51 -2.09
CA SER C 29 -4.90 6.49 -2.98
C SER C 29 -6.09 5.69 -2.41
N THR C 30 -6.43 5.90 -1.12
CA THR C 30 -7.57 5.16 -0.54
C THR C 30 -8.73 6.04 -0.07
N ARG C 31 -8.50 7.36 0.02
CA ARG C 31 -9.49 8.32 0.47
C ARG C 31 -10.84 8.17 -0.27
N ARG C 32 -10.79 8.18 -1.61
CA ARG C 32 -12.00 8.04 -2.43
C ARG C 32 -12.77 6.74 -2.14
N LEU C 33 -12.02 5.66 -1.94
CA LEU C 33 -12.63 4.36 -1.66
C LEU C 33 -13.38 4.39 -0.32
N TYR C 34 -12.74 4.88 0.73
CA TYR C 34 -13.33 4.88 2.05
C TYR C 34 -14.50 5.86 2.14
N GLU C 35 -14.44 6.99 1.42
CA GLU C 35 -15.57 7.92 1.40
C GLU C 35 -16.77 7.26 0.71
N LYS C 36 -16.52 6.54 -0.38
CA LYS C 36 -17.58 5.87 -1.13
C LYS C 36 -18.21 4.78 -0.25
N LYS C 37 -17.36 4.00 0.43
CA LYS C 37 -17.82 2.94 1.33
C LYS C 37 -18.66 3.50 2.49
N ILE C 38 -18.21 4.61 3.09
CA ILE C 38 -18.95 5.24 4.16
C ILE C 38 -20.33 5.71 3.66
N PHE C 39 -20.37 6.36 2.48
CA PHE C 39 -21.61 6.86 1.88
C PHE C 39 -22.62 5.74 1.59
N GLU C 40 -22.13 4.65 1.00
CA GLU C 40 -22.97 3.51 0.66
C GLU C 40 -23.49 2.83 1.91
N TYR C 41 -22.65 2.73 2.94
CA TYR C 41 -23.07 2.14 4.21
C TYR C 41 -24.11 3.02 4.95
N GLU C 42 -23.92 4.34 4.93
CA GLU C 42 -24.84 5.28 5.58
C GLU C 42 -26.18 5.37 4.84
N THR C 43 -26.16 5.36 3.51
CA THR C 43 -27.40 5.48 2.71
C THR C 43 -28.04 4.15 2.30
N GLN C 44 -27.43 3.03 2.67
CA GLN C 44 -27.96 1.70 2.36
C GLN C 44 -27.60 0.69 3.45
#